data_3U9Z
#
_entry.id   3U9Z
#
_cell.length_a   45.795
_cell.length_b   75.181
_cell.length_c   117.708
_cell.angle_alpha   90.000
_cell.angle_beta   90.000
_cell.angle_gamma   90.000
#
_symmetry.space_group_name_H-M   'P 21 21 21'
#
loop_
_entity.id
_entity.type
_entity.pdbx_description
1 polymer 'Actin, alpha skeletal muscle'
2 polymer 'Ciboulot, isoform A'
3 non-polymer "ADENOSINE-5'-DIPHOSPHATE"
4 non-polymer 'MAGNESIUM ION'
5 water water
#
loop_
_entity_poly.entity_id
_entity_poly.type
_entity_poly.pdbx_seq_one_letter_code
_entity_poly.pdbx_strand_id
1 'polypeptide(L)'
;DEDETTALVCDNGSGLVKAGFAGDDAPRAVFPSIVGRPRHQGVMVGMGQKDSYVGDEAQSKRGILTLKYPIEHGIITNWD
DMEKIWHHTFYNELRVAPEEHPTLLTEAPLNPKANREKMTQIMFETFNVPAMYVAIQAVLSLYASGRTTGIVLDSGDGVT
HNVPIYEGYALPHAIMRLDLAGRDLTDYLMKILTERGYSFVTTAEREIVRDIKEKLCYVALDFENEMATAASSSSLEKSY
ELPDGQVITIGNERFRCPETLFQPSFIGMESAGIHETTYNSIMKCDIDIRKDLYANNVMSGGTTMYPGIADRMQKEITAL
APSTMKIKIIAPPERKYSVWIGGSILASLSTFQQMWITKQEYDEAGPSIVHRKCF
;
A
2 'polypeptide(L)' VAAPAPALKDLPKVAENLKSQLEGFDKSKLKNASTQEKIILPTAEDVAAEKTQQSIFE C
#
# COMPACT_ATOMS: atom_id res chain seq x y z
N THR A 6 17.07 -8.87 -16.95
CA THR A 6 15.66 -8.61 -16.50
C THR A 6 15.61 -7.72 -15.25
N ALA A 7 14.88 -6.63 -15.33
CA ALA A 7 14.78 -5.67 -14.25
C ALA A 7 14.01 -6.23 -13.04
N LEU A 8 14.33 -5.70 -11.87
CA LEU A 8 13.64 -6.10 -10.65
C LEU A 8 12.67 -4.98 -10.24
N VAL A 9 11.59 -5.37 -9.59
CA VAL A 9 10.65 -4.41 -9.04
C VAL A 9 10.47 -4.67 -7.56
N CYS A 10 10.92 -3.72 -6.74
CA CYS A 10 10.78 -3.87 -5.29
C CYS A 10 9.93 -2.76 -4.66
N ASP A 11 8.73 -3.14 -4.22
CA ASP A 11 7.80 -2.22 -3.57
C ASP A 11 8.04 -2.34 -2.07
N ASN A 12 8.62 -1.28 -1.51
CA ASN A 12 9.08 -1.18 -0.15
C ASN A 12 7.91 -0.85 0.82
N GLY A 13 7.00 -1.80 1.03
CA GLY A 13 5.71 -1.52 1.70
C GLY A 13 5.88 -1.25 3.19
N SER A 14 5.02 -0.43 3.76
CA SER A 14 5.13 -0.10 5.18
C SER A 14 4.96 -1.39 6.03
N GLY A 15 4.29 -2.37 5.45
CA GLY A 15 4.01 -3.62 6.14
C GLY A 15 4.53 -4.85 5.38
N LEU A 16 4.41 -4.86 4.05
CA LEU A 16 4.88 -5.98 3.24
C LEU A 16 5.76 -5.53 2.08
N VAL A 17 6.91 -6.19 1.91
CA VAL A 17 7.69 -6.03 0.72
C VAL A 17 7.02 -6.90 -0.36
N LYS A 18 6.77 -6.33 -1.55
CA LYS A 18 6.35 -7.09 -2.73
C LYS A 18 7.48 -6.92 -3.74
N ALA A 19 8.12 -8.02 -4.10
CA ALA A 19 9.27 -7.94 -5.00
C ALA A 19 9.16 -8.98 -6.09
N GLY A 20 9.86 -8.77 -7.20
CA GLY A 20 9.70 -9.65 -8.34
C GLY A 20 10.34 -9.10 -9.59
N PHE A 21 10.01 -9.73 -10.72
CA PHE A 21 10.64 -9.38 -12.00
C PHE A 21 9.68 -8.61 -12.90
N ALA A 22 10.19 -7.54 -13.50
CA ALA A 22 9.45 -6.74 -14.45
C ALA A 22 8.96 -7.62 -15.55
N GLY A 23 7.70 -7.39 -15.93
CA GLY A 23 7.09 -8.12 -17.00
C GLY A 23 6.27 -9.30 -16.48
N ASP A 24 6.43 -9.61 -15.18
CA ASP A 24 5.58 -10.60 -14.52
C ASP A 24 4.27 -9.93 -14.07
N ASP A 25 3.22 -10.74 -13.92
CA ASP A 25 1.91 -10.25 -13.55
C ASP A 25 1.63 -10.17 -12.04
N ALA A 26 2.62 -10.51 -11.24
CA ALA A 26 2.48 -10.54 -9.80
C ALA A 26 3.87 -10.66 -9.19
N PRO A 27 4.02 -10.14 -7.94
CA PRO A 27 5.32 -10.26 -7.32
C PRO A 27 5.63 -11.74 -7.09
N ARG A 28 6.92 -12.08 -7.00
CA ARG A 28 7.33 -13.43 -6.67
C ARG A 28 7.42 -13.57 -5.14
N ALA A 29 7.88 -12.50 -4.49
CA ALA A 29 8.09 -12.48 -3.05
C ALA A 29 7.16 -11.46 -2.39
N VAL A 30 6.49 -11.87 -1.33
CA VAL A 30 5.85 -10.94 -0.41
C VAL A 30 6.01 -11.35 1.06
N PHE A 31 6.62 -10.48 1.85
CA PHE A 31 7.04 -10.86 3.20
C PHE A 31 7.05 -9.61 4.07
N PRO A 32 6.92 -9.77 5.41
CA PRO A 32 6.69 -8.53 6.19
C PRO A 32 7.93 -7.67 6.19
N SER A 33 7.76 -6.35 6.11
CA SER A 33 8.92 -5.51 6.30
C SER A 33 9.18 -5.25 7.77
N ILE A 34 9.70 -6.29 8.40
CA ILE A 34 9.97 -6.32 9.83
C ILE A 34 11.37 -6.81 10.01
N VAL A 35 12.10 -6.13 10.90
CA VAL A 35 13.36 -6.67 11.43
C VAL A 35 13.15 -6.93 12.93
N GLY A 36 13.48 -8.15 13.38
CA GLY A 36 13.38 -8.50 14.82
C GLY A 36 14.69 -8.82 15.54
N ARG A 37 14.79 -8.38 16.81
CA ARG A 37 15.89 -8.73 17.76
C ARG A 37 15.34 -9.10 19.19
N PRO A 38 16.22 -9.63 20.11
CA PRO A 38 15.90 -10.32 21.43
C PRO A 38 15.51 -9.51 22.77
N ARG A 39 15.91 -10.04 23.97
CA ARG A 39 16.41 -9.26 25.18
C ARG A 39 15.81 -9.37 26.66
N HIS A 40 16.36 -10.28 27.50
CA HIS A 40 15.79 -10.54 28.84
C HIS A 40 16.63 -11.49 29.76
N GLN A 41 17.95 -11.28 29.82
CA GLN A 41 18.88 -12.27 30.35
C GLN A 41 20.23 -12.40 29.56
N GLY A 42 21.14 -11.45 29.79
CA GLY A 42 22.39 -11.34 29.03
C GLY A 42 23.27 -12.57 29.12
N SER A 52 19.72 -10.69 14.64
CA SER A 52 18.71 -9.96 13.85
C SER A 52 18.08 -10.85 12.78
N TYR A 53 16.76 -10.80 12.65
CA TYR A 53 16.04 -11.64 11.67
C TYR A 53 15.09 -10.77 10.86
N VAL A 54 14.67 -11.27 9.70
CA VAL A 54 13.89 -10.46 8.77
C VAL A 54 12.62 -11.17 8.34
N GLY A 55 11.56 -10.40 8.14
CA GLY A 55 10.34 -10.92 7.52
C GLY A 55 9.69 -12.07 8.27
N ASP A 56 9.41 -13.16 7.55
CA ASP A 56 8.66 -14.31 8.10
C ASP A 56 9.37 -14.94 9.29
N GLU A 57 10.68 -15.21 9.15
CA GLU A 57 11.47 -15.80 10.25
C GLU A 57 11.69 -14.84 11.42
N ALA A 58 11.32 -13.58 11.23
CA ALA A 58 11.22 -12.63 12.32
C ALA A 58 9.82 -12.68 12.98
N GLN A 59 8.76 -12.79 12.16
CA GLN A 59 7.41 -13.05 12.69
C GLN A 59 7.33 -14.45 13.30
N SER A 60 7.98 -15.41 12.64
CA SER A 60 7.92 -16.82 13.01
C SER A 60 8.27 -17.03 14.48
N LYS A 61 9.46 -17.59 14.72
CA LYS A 61 10.04 -17.59 16.05
C LYS A 61 10.43 -16.16 16.44
N ARG A 62 9.45 -15.40 16.95
CA ARG A 62 9.66 -14.03 17.41
C ARG A 62 9.66 -13.88 18.93
N GLY A 63 9.25 -14.95 19.64
CA GLY A 63 9.05 -14.89 21.09
C GLY A 63 10.28 -14.39 21.77
N ILE A 64 11.43 -14.66 21.15
CA ILE A 64 12.70 -14.12 21.61
C ILE A 64 13.11 -12.82 20.87
N LEU A 65 12.12 -12.12 20.29
CA LEU A 65 12.38 -10.94 19.44
C LEU A 65 11.50 -9.73 19.75
N THR A 66 12.13 -8.56 19.73
CA THR A 66 11.42 -7.28 19.62
C THR A 66 11.32 -6.92 18.12
N LEU A 67 10.09 -6.69 17.64
CA LEU A 67 9.86 -6.38 16.21
C LEU A 67 9.93 -4.90 15.91
N LYS A 68 10.59 -4.54 14.83
CA LYS A 68 10.56 -3.13 14.35
C LYS A 68 10.17 -3.00 12.88
N TYR A 69 9.38 -1.97 12.60
CA TYR A 69 9.05 -1.57 11.22
C TYR A 69 10.00 -0.45 10.80
N PRO A 70 10.89 -0.74 9.85
CA PRO A 70 11.79 0.36 9.45
C PRO A 70 11.15 1.34 8.46
N ILE A 71 9.92 1.03 8.07
CA ILE A 71 9.18 1.83 7.07
C ILE A 71 7.80 2.01 7.63
N GLU A 72 7.72 2.31 8.93
CA GLU A 72 6.48 2.16 9.67
C GLU A 72 5.25 2.85 9.02
N HIS A 73 5.46 4.05 8.51
CA HIS A 73 4.40 4.81 7.87
C HIS A 73 4.69 5.13 6.41
N GLY A 74 5.41 4.24 5.72
CA GLY A 74 5.71 4.43 4.30
C GLY A 74 7.08 5.04 3.98
N ILE A 75 7.59 5.85 4.90
CA ILE A 75 8.96 6.42 4.76
C ILE A 75 10.01 5.60 5.54
N ILE A 76 11.11 5.31 4.86
CA ILE A 76 12.17 4.49 5.48
C ILE A 76 12.89 5.31 6.55
N THR A 77 12.91 4.82 7.79
CA THR A 77 13.50 5.58 8.89
C THR A 77 14.73 4.91 9.48
N ASN A 78 14.95 3.65 9.16
CA ASN A 78 16.15 2.96 9.67
C ASN A 78 16.90 2.26 8.54
N TRP A 79 18.07 2.80 8.16
CA TRP A 79 18.75 2.33 6.96
C TRP A 79 19.49 1.01 7.10
N ASP A 80 20.04 0.74 8.29
CA ASP A 80 20.64 -0.57 8.58
C ASP A 80 19.58 -1.63 8.46
N ASP A 81 18.42 -1.43 9.07
CA ASP A 81 17.37 -2.41 8.98
C ASP A 81 16.85 -2.53 7.54
N MET A 82 16.79 -1.41 6.81
CA MET A 82 16.31 -1.44 5.42
C MET A 82 17.30 -2.17 4.51
N GLU A 83 18.57 -1.97 4.78
CA GLU A 83 19.60 -2.66 4.08
C GLU A 83 19.48 -4.18 4.30
N LYS A 84 19.09 -4.58 5.51
CA LYS A 84 18.84 -5.98 5.80
C LYS A 84 17.65 -6.53 5.00
N ILE A 85 16.57 -5.76 4.96
CA ILE A 85 15.37 -6.13 4.17
C ILE A 85 15.73 -6.33 2.71
N TRP A 86 16.44 -5.38 2.14
CA TRP A 86 16.82 -5.45 0.76
C TRP A 86 17.74 -6.65 0.52
N HIS A 87 18.59 -6.97 1.51
CA HIS A 87 19.51 -8.08 1.36
C HIS A 87 18.70 -9.35 1.34
N HIS A 88 17.82 -9.49 2.32
CA HIS A 88 16.90 -10.60 2.35
C HIS A 88 16.20 -10.72 1.01
N THR A 89 15.70 -9.58 0.50
CA THR A 89 14.97 -9.55 -0.78
C THR A 89 15.77 -10.15 -1.94
N PHE A 90 16.97 -9.63 -2.15
CA PHE A 90 17.80 -10.05 -3.27
C PHE A 90 18.21 -11.51 -3.12
N TYR A 91 18.83 -11.81 -2.01
CA TYR A 91 19.59 -13.03 -1.87
C TYR A 91 18.70 -14.16 -1.41
N ASN A 92 17.86 -13.90 -0.42
CA ASN A 92 17.10 -14.96 0.18
C ASN A 92 15.73 -15.23 -0.47
N GLU A 93 15.05 -14.16 -0.91
CA GLU A 93 13.72 -14.34 -1.53
C GLU A 93 13.78 -14.52 -3.04
N LEU A 94 14.42 -13.58 -3.72
CA LEU A 94 14.44 -13.64 -5.19
C LEU A 94 15.56 -14.54 -5.65
N ARG A 95 16.62 -14.62 -4.84
CA ARG A 95 17.82 -15.37 -5.20
C ARG A 95 18.44 -14.86 -6.50
N VAL A 96 18.74 -13.56 -6.50
CA VAL A 96 19.36 -12.90 -7.63
C VAL A 96 20.60 -12.20 -7.15
N ALA A 97 21.54 -11.96 -8.06
CA ALA A 97 22.66 -11.09 -7.78
C ALA A 97 22.30 -9.65 -8.15
N PRO A 98 22.15 -8.78 -7.14
CA PRO A 98 21.74 -7.39 -7.43
C PRO A 98 22.59 -6.75 -8.52
N GLU A 99 23.86 -7.18 -8.62
CA GLU A 99 24.81 -6.60 -9.58
C GLU A 99 24.37 -6.80 -11.03
N GLU A 100 23.45 -7.74 -11.24
CA GLU A 100 23.07 -8.15 -12.57
C GLU A 100 21.74 -7.55 -13.09
N HIS A 101 20.98 -6.85 -12.22
CA HIS A 101 19.61 -6.41 -12.57
C HIS A 101 19.34 -4.92 -12.35
N PRO A 102 18.88 -4.21 -13.41
CA PRO A 102 18.29 -2.90 -13.16
C PRO A 102 17.17 -3.09 -12.10
N THR A 103 17.09 -2.18 -11.11
CA THR A 103 16.11 -2.36 -9.99
C THR A 103 15.22 -1.13 -9.84
N LEU A 104 13.93 -1.30 -10.10
CA LEU A 104 12.98 -0.23 -9.79
C LEU A 104 12.47 -0.36 -8.33
N LEU A 105 12.66 0.69 -7.54
CA LEU A 105 12.17 0.74 -6.15
C LEU A 105 10.94 1.64 -6.12
N THR A 106 10.02 1.37 -5.17
CA THR A 106 8.93 2.26 -4.93
C THR A 106 9.20 3.13 -3.70
N GLU A 107 8.61 4.30 -3.68
CA GLU A 107 8.64 5.14 -2.50
C GLU A 107 7.25 5.65 -2.14
N ALA A 108 7.11 6.10 -0.90
CA ALA A 108 5.90 6.73 -0.48
C ALA A 108 5.69 8.12 -1.13
N PRO A 109 4.42 8.53 -1.24
CA PRO A 109 4.15 9.93 -1.52
C PRO A 109 4.85 10.80 -0.47
N LEU A 110 5.29 11.99 -0.87
CA LEU A 110 5.98 12.92 0.02
C LEU A 110 7.25 12.34 0.69
N ASN A 111 7.97 11.47 -0.03
CA ASN A 111 9.24 10.95 0.44
C ASN A 111 10.27 12.08 0.39
N PRO A 112 10.97 12.38 1.51
CA PRO A 112 11.93 13.51 1.47
C PRO A 112 13.06 13.29 0.47
N LYS A 113 13.62 14.38 -0.08
CA LYS A 113 14.68 14.28 -1.07
C LYS A 113 15.90 13.52 -0.53
N ALA A 114 16.36 13.84 0.68
CA ALA A 114 17.52 13.15 1.26
C ALA A 114 17.24 11.66 1.36
N ASN A 115 15.97 11.31 1.57
CA ASN A 115 15.59 9.91 1.69
C ASN A 115 15.73 9.13 0.38
N ARG A 116 15.12 9.65 -0.67
CA ARG A 116 15.32 9.17 -2.03
C ARG A 116 16.83 9.19 -2.47
N GLU A 117 17.55 10.24 -2.10
CA GLU A 117 19.03 10.22 -2.31
C GLU A 117 19.68 9.04 -1.59
N LYS A 118 19.28 8.80 -0.34
CA LYS A 118 19.88 7.72 0.46
C LYS A 118 19.61 6.31 -0.16
N MET A 119 18.35 6.05 -0.57
CA MET A 119 17.97 4.81 -1.25
C MET A 119 18.83 4.59 -2.49
N THR A 120 19.10 5.66 -3.21
CA THR A 120 19.85 5.61 -4.45
C THR A 120 21.32 5.19 -4.21
N GLN A 121 21.95 5.84 -3.24
CA GLN A 121 23.31 5.54 -2.81
C GLN A 121 23.44 4.10 -2.32
N ILE A 122 22.52 3.67 -1.47
CA ILE A 122 22.54 2.28 -1.00
C ILE A 122 22.45 1.29 -2.17
N MET A 123 21.60 1.58 -3.15
CA MET A 123 21.41 0.65 -4.26
C MET A 123 22.71 0.52 -5.09
N PHE A 124 23.43 1.62 -5.23
CA PHE A 124 24.63 1.64 -6.05
C PHE A 124 25.88 1.19 -5.27
N GLU A 125 26.07 1.76 -4.08
CA GLU A 125 27.33 1.63 -3.39
C GLU A 125 27.35 0.40 -2.49
N THR A 126 26.18 -0.02 -2.04
CA THR A 126 26.09 -1.26 -1.26
C THR A 126 25.77 -2.47 -2.12
N PHE A 127 24.75 -2.37 -2.95
CA PHE A 127 24.28 -3.54 -3.70
C PHE A 127 24.82 -3.57 -5.14
N ASN A 128 25.53 -2.50 -5.50
CA ASN A 128 26.16 -2.43 -6.82
C ASN A 128 25.20 -2.77 -7.99
N VAL A 129 23.96 -2.26 -7.95
CA VAL A 129 23.03 -2.42 -9.10
C VAL A 129 23.58 -1.69 -10.33
N PRO A 130 23.32 -2.23 -11.54
CA PRO A 130 23.82 -1.55 -12.76
C PRO A 130 22.98 -0.32 -13.11
N ALA A 131 21.73 -0.31 -12.65
CA ALA A 131 20.84 0.82 -12.89
C ALA A 131 19.64 0.74 -11.94
N MET A 132 19.05 1.88 -11.62
CA MET A 132 17.86 1.89 -10.76
C MET A 132 16.95 3.06 -11.05
N TYR A 133 15.78 3.01 -10.44
CA TYR A 133 14.77 4.04 -10.57
C TYR A 133 13.93 4.00 -9.34
N VAL A 134 13.35 5.13 -8.99
CA VAL A 134 12.43 5.23 -7.87
C VAL A 134 11.16 5.90 -8.34
N ALA A 135 10.02 5.25 -8.08
CA ALA A 135 8.72 5.75 -8.50
C ALA A 135 7.79 5.80 -7.28
N ILE A 136 6.87 6.73 -7.31
CA ILE A 136 5.87 6.86 -6.26
C ILE A 136 4.85 5.75 -6.38
N GLN A 137 4.56 5.07 -5.28
CA GLN A 137 3.64 3.92 -5.28
C GLN A 137 2.27 4.22 -5.93
N ALA A 138 1.65 5.33 -5.51
CA ALA A 138 0.34 5.70 -6.00
C ALA A 138 0.36 5.91 -7.50
N VAL A 139 1.44 6.48 -8.01
CA VAL A 139 1.55 6.71 -9.45
C VAL A 139 1.60 5.38 -10.21
N LEU A 140 2.39 4.43 -9.68
CA LEU A 140 2.41 3.08 -10.24
C LEU A 140 1.03 2.41 -10.28
N SER A 141 0.26 2.56 -9.20
CA SER A 141 -1.11 2.01 -9.18
C SER A 141 -1.96 2.67 -10.23
N LEU A 142 -1.87 3.99 -10.36
CA LEU A 142 -2.65 4.66 -11.42
C LEU A 142 -2.29 4.12 -12.85
N TYR A 143 -0.99 4.02 -13.14
CA TYR A 143 -0.45 3.37 -14.35
C TYR A 143 -1.01 1.99 -14.55
N ALA A 144 -0.98 1.18 -13.49
CA ALA A 144 -1.51 -0.17 -13.58
C ALA A 144 -2.95 -0.19 -14.04
N SER A 145 -3.72 0.87 -13.77
CA SER A 145 -5.13 0.87 -14.21
C SER A 145 -5.28 1.46 -15.60
N GLY A 146 -4.18 1.86 -16.21
CA GLY A 146 -4.17 2.34 -17.61
C GLY A 146 -4.46 3.81 -17.69
N ARG A 147 -4.18 4.54 -16.58
CA ARG A 147 -4.43 6.01 -16.50
C ARG A 147 -3.13 6.72 -16.23
N THR A 148 -3.02 7.96 -16.66
CA THR A 148 -1.95 8.83 -16.15
C THR A 148 -2.50 10.06 -15.46
N THR A 149 -3.83 10.21 -15.48
CA THR A 149 -4.47 11.24 -14.63
C THR A 149 -5.52 10.58 -13.78
N GLY A 150 -5.53 10.94 -12.49
CA GLY A 150 -6.51 10.40 -11.59
C GLY A 150 -6.14 10.71 -10.15
N ILE A 151 -7.01 10.34 -9.22
CA ILE A 151 -6.61 10.43 -7.80
C ILE A 151 -6.69 9.07 -7.13
N VAL A 152 -5.57 8.70 -6.54
CA VAL A 152 -5.42 7.42 -5.94
C VAL A 152 -5.66 7.51 -4.42
N LEU A 153 -6.41 6.54 -3.94
CA LEU A 153 -6.51 6.31 -2.52
C LEU A 153 -5.78 5.05 -2.28
N ASP A 154 -4.64 5.14 -1.60
CA ASP A 154 -3.77 3.98 -1.39
C ASP A 154 -3.79 3.68 0.07
N SER A 155 -4.41 2.57 0.44
CA SER A 155 -4.46 2.20 1.83
C SER A 155 -3.77 0.87 2.04
N GLY A 156 -2.62 0.91 2.70
CA GLY A 156 -1.86 -0.27 2.88
C GLY A 156 -1.90 -0.72 4.33
N ASP A 157 -0.71 -0.91 4.91
CA ASP A 157 -0.57 -1.53 6.23
C ASP A 157 -0.41 -0.48 7.33
N GLY A 158 0.51 0.46 7.12
CA GLY A 158 0.83 1.44 8.15
C GLY A 158 0.44 2.85 7.76
N VAL A 159 -0.02 3.04 6.51
CA VAL A 159 -0.33 4.38 6.05
C VAL A 159 -1.31 4.39 4.93
N THR A 160 -2.14 5.43 4.92
CA THR A 160 -3.02 5.71 3.83
C THR A 160 -2.70 7.10 3.24
N HIS A 161 -2.69 7.22 1.89
CA HIS A 161 -2.51 8.52 1.21
C HIS A 161 -3.63 8.68 0.18
N ASN A 162 -4.04 9.92 -0.01
CA ASN A 162 -4.73 10.33 -1.26
C ASN A 162 -3.73 11.04 -2.14
N VAL A 163 -3.64 10.65 -3.41
CA VAL A 163 -2.58 11.17 -4.31
C VAL A 163 -3.18 11.56 -5.65
N PRO A 164 -3.51 12.84 -5.79
CA PRO A 164 -3.94 13.32 -7.09
C PRO A 164 -2.74 13.43 -8.05
N ILE A 165 -2.97 12.99 -9.31
CA ILE A 165 -1.88 12.82 -10.30
C ILE A 165 -2.38 13.36 -11.61
N TYR A 166 -1.59 14.25 -12.21
CA TYR A 166 -1.96 14.88 -13.45
C TYR A 166 -0.88 14.66 -14.51
N GLU A 167 -1.27 13.99 -15.59
CA GLU A 167 -0.32 13.65 -16.67
C GLU A 167 0.89 12.95 -16.13
N GLY A 168 0.66 11.98 -15.23
CA GLY A 168 1.72 11.13 -14.70
C GLY A 168 2.53 11.67 -13.53
N TYR A 169 2.26 12.91 -13.13
CA TYR A 169 2.94 13.62 -12.02
C TYR A 169 2.01 13.77 -10.77
N ALA A 170 2.39 13.16 -9.64
CA ALA A 170 1.68 13.37 -8.36
C ALA A 170 1.78 14.84 -8.01
N LEU A 171 0.70 15.44 -7.48
CA LEU A 171 0.73 16.85 -7.15
C LEU A 171 1.04 17.03 -5.68
N PRO A 172 2.33 17.29 -5.35
CA PRO A 172 2.76 17.15 -3.95
C PRO A 172 1.92 17.96 -2.95
N HIS A 173 1.55 19.19 -3.31
CA HIS A 173 0.87 20.09 -2.34
C HIS A 173 -0.55 19.63 -2.06
N ALA A 174 -1.04 18.67 -2.86
CA ALA A 174 -2.41 18.21 -2.73
C ALA A 174 -2.48 16.83 -2.13
N ILE A 175 -1.32 16.22 -1.90
CA ILE A 175 -1.26 14.88 -1.28
C ILE A 175 -1.78 14.93 0.18
N MET A 176 -2.61 13.95 0.55
CA MET A 176 -3.01 13.80 1.95
C MET A 176 -2.53 12.50 2.52
N ARG A 177 -2.26 12.51 3.81
CA ARG A 177 -1.70 11.33 4.48
C ARG A 177 -2.56 11.05 5.71
N LEU A 178 -2.91 9.78 5.91
CA LEU A 178 -3.62 9.43 7.14
C LEU A 178 -2.84 8.27 7.72
N ASP A 179 -2.33 8.46 8.92
CA ASP A 179 -1.54 7.44 9.56
C ASP A 179 -2.45 6.37 10.18
N LEU A 180 -3.27 5.73 9.36
CA LEU A 180 -4.24 4.72 9.76
C LEU A 180 -4.43 3.82 8.57
N ALA A 181 -4.14 2.55 8.74
CA ALA A 181 -4.42 1.60 7.68
C ALA A 181 -4.58 0.19 8.24
N GLY A 182 -4.20 -0.80 7.44
CA GLY A 182 -4.53 -2.18 7.73
C GLY A 182 -4.11 -2.62 9.11
N ARG A 183 -2.91 -2.24 9.52
CA ARG A 183 -2.42 -2.71 10.82
C ARG A 183 -3.26 -2.17 12.01
N ASP A 184 -3.74 -0.95 11.88
CA ASP A 184 -4.57 -0.35 12.89
C ASP A 184 -5.97 -1.03 12.97
N LEU A 185 -6.49 -1.40 11.81
CA LEU A 185 -7.80 -2.08 11.74
C LEU A 185 -7.68 -3.46 12.39
N THR A 186 -6.57 -4.16 12.11
CA THR A 186 -6.23 -5.40 12.84
C THR A 186 -6.21 -5.19 14.39
N ASP A 187 -5.47 -4.19 14.85
CA ASP A 187 -5.35 -3.92 16.30
C ASP A 187 -6.69 -3.58 16.89
N TYR A 188 -7.51 -2.87 16.11
CA TYR A 188 -8.83 -2.49 16.57
C TYR A 188 -9.78 -3.70 16.70
N LEU A 189 -9.79 -4.57 15.69
CA LEU A 189 -10.57 -5.79 15.78
C LEU A 189 -10.06 -6.62 16.98
N MET A 190 -8.74 -6.77 17.10
CA MET A 190 -8.19 -7.52 18.27
C MET A 190 -8.70 -6.95 19.59
N LYS A 191 -8.64 -5.63 19.73
CA LYS A 191 -9.09 -5.00 20.96
C LYS A 191 -10.57 -5.31 21.24
N ILE A 192 -11.42 -5.17 20.21
CA ILE A 192 -12.84 -5.34 20.49
C ILE A 192 -13.18 -6.83 20.74
N LEU A 193 -12.48 -7.73 20.07
CA LEU A 193 -12.58 -9.16 20.38
C LEU A 193 -12.08 -9.51 21.81
N THR A 194 -11.01 -8.83 22.23
CA THR A 194 -10.42 -9.05 23.57
C THR A 194 -11.41 -8.59 24.63
N GLU A 195 -12.09 -7.47 24.37
CA GLU A 195 -13.05 -6.92 25.29
C GLU A 195 -14.22 -7.87 25.47
N ARG A 196 -14.56 -8.59 24.39
CA ARG A 196 -15.62 -9.61 24.49
C ARG A 196 -15.19 -10.91 25.15
N GLY A 197 -13.91 -11.03 25.47
CA GLY A 197 -13.45 -12.16 26.30
C GLY A 197 -12.52 -13.13 25.60
N TYR A 198 -12.24 -12.89 24.32
CA TYR A 198 -11.34 -13.77 23.58
C TYR A 198 -9.90 -13.38 23.85
N SER A 199 -8.97 -14.31 23.63
CA SER A 199 -7.57 -14.01 23.87
C SER A 199 -6.66 -14.28 22.68
N PHE A 200 -5.82 -13.31 22.35
CA PHE A 200 -4.87 -13.44 21.24
C PHE A 200 -3.50 -12.92 21.70
N VAL A 201 -2.66 -13.82 22.18
CA VAL A 201 -1.40 -13.41 22.80
C VAL A 201 -0.19 -13.64 21.88
N THR A 202 -0.30 -14.62 20.99
CA THR A 202 0.87 -15.15 20.27
C THR A 202 1.13 -14.46 18.94
N THR A 203 1.72 -15.22 18.02
CA THR A 203 1.77 -14.85 16.61
C THR A 203 0.82 -15.76 15.82
N ALA A 204 -0.22 -15.18 15.24
CA ALA A 204 -1.33 -15.95 14.67
C ALA A 204 -2.00 -16.93 15.65
N GLU A 205 -3.00 -16.50 16.45
CA GLU A 205 -3.19 -15.15 17.05
C GLU A 205 -1.87 -14.38 17.18
N ARG A 206 -1.66 -13.25 16.50
CA ARG A 206 -2.64 -12.24 16.15
C ARG A 206 -2.89 -12.27 14.64
N GLU A 207 -2.27 -13.23 13.97
CA GLU A 207 -2.41 -13.37 12.55
C GLU A 207 -3.78 -13.94 12.26
N ILE A 208 -4.30 -14.72 13.18
CA ILE A 208 -5.68 -15.17 13.07
C ILE A 208 -6.68 -13.99 13.08
N VAL A 209 -6.40 -12.96 13.88
CA VAL A 209 -7.26 -11.80 13.91
C VAL A 209 -7.18 -11.04 12.57
N ARG A 210 -5.97 -10.90 12.05
CA ARG A 210 -5.79 -10.36 10.71
C ARG A 210 -6.59 -11.16 9.67
N ASP A 211 -6.52 -12.47 9.74
CA ASP A 211 -7.31 -13.30 8.83
C ASP A 211 -8.82 -13.11 9.03
N ILE A 212 -9.26 -12.99 10.29
CA ILE A 212 -10.66 -12.74 10.56
C ILE A 212 -11.07 -11.46 9.87
N LYS A 213 -10.27 -10.42 10.07
CA LYS A 213 -10.52 -9.13 9.44
C LYS A 213 -10.65 -9.27 7.90
N GLU A 214 -9.68 -9.93 7.28
CA GLU A 214 -9.70 -10.03 5.85
C GLU A 214 -10.87 -10.84 5.35
N LYS A 215 -11.33 -11.81 6.13
CA LYS A 215 -12.27 -12.80 5.58
C LYS A 215 -13.71 -12.32 5.81
N LEU A 216 -13.93 -11.64 6.91
CA LEU A 216 -15.28 -11.38 7.37
C LEU A 216 -15.66 -9.91 7.40
N CYS A 217 -14.67 -9.01 7.42
CA CYS A 217 -15.00 -7.58 7.52
C CYS A 217 -15.49 -6.99 6.19
N TYR A 218 -16.31 -5.93 6.25
CA TYR A 218 -16.77 -5.22 5.07
C TYR A 218 -17.13 -3.79 5.41
N VAL A 219 -17.24 -2.94 4.38
CA VAL A 219 -17.67 -1.58 4.58
C VAL A 219 -19.17 -1.41 4.35
N ALA A 220 -19.86 -0.88 5.36
CA ALA A 220 -21.28 -0.62 5.25
C ALA A 220 -21.51 0.54 4.28
N LEU A 221 -22.58 0.46 3.49
CA LEU A 221 -23.02 1.58 2.64
C LEU A 221 -23.52 2.75 3.48
N ASP A 222 -24.13 2.42 4.61
CA ASP A 222 -24.66 3.37 5.53
C ASP A 222 -24.51 2.74 6.93
N PHE A 223 -23.59 3.31 7.69
CA PHE A 223 -23.17 2.73 8.93
C PHE A 223 -24.34 2.58 9.90
N GLU A 224 -25.15 3.63 10.04
CA GLU A 224 -26.24 3.60 11.01
C GLU A 224 -27.27 2.58 10.62
N ASN A 225 -27.58 2.48 9.32
CA ASN A 225 -28.55 1.49 8.86
C ASN A 225 -28.02 0.09 9.12
N GLU A 226 -26.72 -0.11 8.94
CA GLU A 226 -26.15 -1.46 9.11
C GLU A 226 -26.15 -1.82 10.60
N MET A 227 -25.90 -0.81 11.46
CA MET A 227 -26.02 -1.01 12.92
C MET A 227 -27.45 -1.45 13.29
N ALA A 228 -28.44 -0.77 12.75
CA ALA A 228 -29.83 -1.13 12.99
C ALA A 228 -30.11 -2.57 12.55
N THR A 229 -29.59 -2.94 11.38
CA THR A 229 -29.82 -4.31 10.86
C THR A 229 -29.18 -5.30 11.86
N ALA A 230 -27.95 -5.01 12.30
CA ALA A 230 -27.21 -5.95 13.19
C ALA A 230 -27.90 -6.04 14.58
N ALA A 231 -28.49 -4.94 15.02
CA ALA A 231 -29.27 -4.87 16.28
C ALA A 231 -30.59 -5.63 16.24
N SER A 232 -31.14 -5.87 15.04
CA SER A 232 -32.54 -6.37 14.95
C SER A 232 -32.67 -7.73 14.33
N SER A 233 -31.56 -8.28 13.85
CA SER A 233 -31.60 -9.62 13.33
C SER A 233 -30.22 -10.25 13.41
N SER A 234 -30.18 -11.55 13.18
CA SER A 234 -28.96 -12.27 13.23
C SER A 234 -28.33 -12.42 11.86
N SER A 235 -28.88 -11.74 10.86
CA SER A 235 -28.46 -11.97 9.47
C SER A 235 -26.98 -11.62 9.15
N LEU A 236 -26.35 -10.80 9.97
CA LEU A 236 -24.98 -10.37 9.68
C LEU A 236 -23.95 -11.11 10.53
N GLU A 237 -24.42 -12.07 11.31
CA GLU A 237 -23.58 -12.81 12.26
C GLU A 237 -22.80 -13.82 11.43
N LYS A 238 -21.52 -13.97 11.73
CA LYS A 238 -20.68 -14.92 11.00
C LYS A 238 -19.75 -15.53 12.00
N SER A 239 -19.38 -16.78 11.77
CA SER A 239 -18.61 -17.54 12.71
C SER A 239 -17.27 -17.93 12.11
N TYR A 240 -16.24 -17.90 12.95
CA TYR A 240 -14.88 -18.22 12.55
C TYR A 240 -14.34 -19.22 13.56
N GLU A 241 -13.92 -20.39 13.09
CA GLU A 241 -13.43 -21.45 13.96
C GLU A 241 -11.93 -21.33 14.25
N LEU A 242 -11.56 -21.33 15.53
CA LEU A 242 -10.16 -21.28 15.91
C LEU A 242 -9.61 -22.71 16.04
N PRO A 243 -8.30 -22.89 15.77
CA PRO A 243 -7.78 -24.24 15.69
C PRO A 243 -7.47 -24.78 17.08
N ASP A 244 -8.50 -24.83 17.92
CA ASP A 244 -8.44 -25.48 19.22
C ASP A 244 -9.86 -25.80 19.64
N GLY A 245 -10.83 -25.21 18.94
CA GLY A 245 -12.24 -25.52 19.16
C GLY A 245 -13.09 -24.28 19.40
N GLN A 246 -12.47 -23.20 19.88
CA GLN A 246 -13.12 -21.91 20.06
C GLN A 246 -13.78 -21.47 18.75
N VAL A 247 -15.02 -20.99 18.86
CA VAL A 247 -15.70 -20.37 17.74
C VAL A 247 -15.92 -18.89 18.08
N ILE A 248 -15.28 -17.99 17.36
CA ILE A 248 -15.67 -16.59 17.53
C ILE A 248 -16.75 -16.17 16.53
N THR A 249 -17.79 -15.56 17.05
CA THR A 249 -18.86 -15.04 16.21
C THR A 249 -18.89 -13.52 16.27
N ILE A 250 -19.05 -12.89 15.10
CA ILE A 250 -19.09 -11.44 15.02
C ILE A 250 -20.15 -11.03 14.05
N GLY A 251 -20.78 -9.89 14.33
CA GLY A 251 -21.75 -9.32 13.43
C GLY A 251 -21.36 -7.88 13.16
N ASN A 252 -21.80 -6.97 14.02
CA ASN A 252 -21.46 -5.58 13.75
C ASN A 252 -19.97 -5.27 13.79
N GLU A 253 -19.18 -6.08 14.47
CA GLU A 253 -17.76 -5.82 14.33
C GLU A 253 -17.19 -6.01 12.88
N ARG A 254 -17.90 -6.75 12.06
CA ARG A 254 -17.48 -6.92 10.70
C ARG A 254 -17.39 -5.56 10.05
N PHE A 255 -18.36 -4.67 10.29
CA PHE A 255 -18.34 -3.39 9.57
C PHE A 255 -17.86 -2.25 10.44
N ARG A 256 -17.86 -2.46 11.74
CA ARG A 256 -17.37 -1.40 12.62
C ARG A 256 -15.87 -1.25 12.47
N CYS A 257 -15.19 -2.34 12.20
CA CYS A 257 -13.73 -2.31 12.13
C CYS A 257 -13.22 -1.44 10.94
N PRO A 258 -13.63 -1.77 9.72
CA PRO A 258 -13.22 -0.89 8.57
C PRO A 258 -13.95 0.48 8.54
N GLU A 259 -15.06 0.62 9.27
CA GLU A 259 -15.72 1.92 9.43
C GLU A 259 -14.73 3.00 9.95
N THR A 260 -13.71 2.53 10.66
CA THR A 260 -12.64 3.35 11.23
C THR A 260 -11.94 4.19 10.17
N LEU A 261 -11.83 3.65 8.97
CA LEU A 261 -11.25 4.42 7.86
C LEU A 261 -12.03 5.72 7.57
N PHE A 262 -13.36 5.67 7.71
CA PHE A 262 -14.22 6.83 7.45
C PHE A 262 -14.47 7.65 8.74
N GLN A 263 -14.30 7.00 9.90
CA GLN A 263 -14.45 7.66 11.21
C GLN A 263 -13.26 7.33 12.12
N PRO A 264 -12.15 8.03 11.94
CA PRO A 264 -10.92 7.66 12.67
C PRO A 264 -11.06 7.86 14.19
N SER A 265 -12.13 8.51 14.59
CA SER A 265 -12.39 8.65 16.02
C SER A 265 -12.67 7.28 16.68
N PHE A 266 -13.04 6.27 15.89
CA PHE A 266 -13.28 4.92 16.44
C PHE A 266 -12.06 4.40 17.23
N ILE A 267 -10.85 4.80 16.81
CA ILE A 267 -9.62 4.42 17.51
C ILE A 267 -8.95 5.63 18.10
N GLY A 268 -9.74 6.64 18.39
CA GLY A 268 -9.24 7.78 19.13
C GLY A 268 -8.37 8.70 18.31
N MET A 269 -8.50 8.66 16.99
CA MET A 269 -7.77 9.60 16.15
C MET A 269 -8.62 10.79 15.76
N GLU A 270 -8.03 11.99 15.75
CA GLU A 270 -8.81 13.18 15.45
C GLU A 270 -8.94 13.51 13.93
N SER A 271 -8.25 12.75 13.09
CA SER A 271 -8.31 13.01 11.65
C SER A 271 -9.68 12.87 10.98
N ALA A 272 -9.85 13.63 9.90
CA ALA A 272 -10.90 13.39 8.93
C ALA A 272 -10.76 11.98 8.28
N GLY A 273 -11.86 11.39 7.87
CA GLY A 273 -11.80 10.06 7.28
C GLY A 273 -11.45 10.09 5.78
N ILE A 274 -11.30 8.90 5.20
CA ILE A 274 -10.71 8.78 3.88
C ILE A 274 -11.56 9.41 2.76
N HIS A 275 -12.88 9.52 2.98
CA HIS A 275 -13.76 10.20 2.03
C HIS A 275 -13.51 11.73 2.10
N GLU A 276 -13.29 12.27 3.31
CA GLU A 276 -13.04 13.68 3.48
C GLU A 276 -11.65 14.06 2.99
N THR A 277 -10.67 13.21 3.21
CA THR A 277 -9.33 13.50 2.70
C THR A 277 -9.27 13.39 1.17
N THR A 278 -10.07 12.49 0.60
CA THR A 278 -10.15 12.39 -0.88
C THR A 278 -10.69 13.71 -1.45
N TYR A 279 -11.84 14.14 -0.91
CA TYR A 279 -12.43 15.40 -1.30
C TYR A 279 -11.46 16.59 -1.06
N ASN A 280 -10.84 16.65 0.12
CA ASN A 280 -9.92 17.78 0.42
C ASN A 280 -8.77 17.80 -0.54
N SER A 281 -8.27 16.62 -0.88
CA SER A 281 -7.17 16.46 -1.86
C SER A 281 -7.57 17.06 -3.25
N ILE A 282 -8.76 16.69 -3.72
CA ILE A 282 -9.32 17.26 -4.96
C ILE A 282 -9.43 18.80 -4.92
N MET A 283 -9.94 19.33 -3.79
CA MET A 283 -10.09 20.74 -3.64
C MET A 283 -8.74 21.47 -3.52
N LYS A 284 -7.62 20.76 -3.28
CA LYS A 284 -6.33 21.44 -3.29
C LYS A 284 -5.83 21.58 -4.70
N CYS A 285 -6.46 20.87 -5.64
CA CYS A 285 -5.97 20.84 -7.02
C CYS A 285 -6.58 21.94 -7.86
N ASP A 286 -5.89 22.27 -8.93
CA ASP A 286 -6.34 23.29 -9.88
C ASP A 286 -7.80 22.98 -10.25
N ILE A 287 -8.66 23.97 -10.10
CA ILE A 287 -10.07 23.84 -10.40
C ILE A 287 -10.32 23.19 -11.79
N ASP A 288 -9.39 23.40 -12.71
CA ASP A 288 -9.53 22.90 -14.06
C ASP A 288 -9.32 21.39 -14.23
N ILE A 289 -8.75 20.70 -13.24
CA ILE A 289 -8.54 19.27 -13.36
C ILE A 289 -9.47 18.47 -12.46
N ARG A 290 -10.22 19.13 -11.60
CA ARG A 290 -11.00 18.39 -10.58
C ARG A 290 -12.00 17.40 -11.22
N LYS A 291 -12.68 17.84 -12.29
CA LYS A 291 -13.65 16.97 -12.95
C LYS A 291 -12.97 15.66 -13.40
N ASP A 292 -11.72 15.74 -13.89
CA ASP A 292 -10.96 14.52 -14.26
C ASP A 292 -10.59 13.67 -13.03
N LEU A 293 -10.28 14.33 -11.90
CA LEU A 293 -9.98 13.54 -10.65
C LEU A 293 -11.24 12.81 -10.11
N TYR A 294 -12.36 13.54 -10.03
CA TYR A 294 -13.63 12.99 -9.58
C TYR A 294 -14.05 11.75 -10.39
N ALA A 295 -13.83 11.81 -11.72
CA ALA A 295 -14.17 10.67 -12.64
C ALA A 295 -13.15 9.56 -12.64
N ASN A 296 -12.05 9.76 -11.91
CA ASN A 296 -10.97 8.78 -11.87
C ASN A 296 -10.39 8.54 -10.46
N ASN A 297 -11.24 8.15 -9.52
CA ASN A 297 -10.75 7.75 -8.23
C ASN A 297 -10.32 6.31 -8.21
N VAL A 298 -9.05 6.06 -8.13
CA VAL A 298 -8.59 4.68 -8.17
C VAL A 298 -8.21 4.22 -6.79
N MET A 299 -8.75 3.08 -6.37
CA MET A 299 -8.31 2.51 -5.06
C MET A 299 -7.21 1.53 -5.23
N SER A 300 -6.28 1.53 -4.27
CA SER A 300 -5.20 0.59 -4.31
C SER A 300 -4.77 0.26 -2.89
N GLY A 301 -4.07 -0.86 -2.74
CA GLY A 301 -3.54 -1.28 -1.47
C GLY A 301 -4.45 -2.31 -0.82
N GLY A 302 -3.89 -3.15 0.06
CA GLY A 302 -4.61 -4.23 0.69
C GLY A 302 -5.84 -3.77 1.47
N THR A 303 -5.74 -2.60 2.11
CA THR A 303 -6.80 -2.17 2.99
C THR A 303 -7.97 -1.58 2.22
N THR A 304 -7.88 -1.54 0.88
CA THR A 304 -9.07 -1.17 0.07
C THR A 304 -9.78 -2.40 -0.44
N MET A 305 -9.41 -3.57 0.05
CA MET A 305 -10.00 -4.84 -0.42
C MET A 305 -11.39 -5.10 0.19
N TYR A 306 -11.79 -4.35 1.25
CA TYR A 306 -13.12 -4.58 1.88
C TYR A 306 -14.27 -4.53 0.88
N PRO A 307 -15.14 -5.56 0.86
CA PRO A 307 -16.38 -5.48 0.09
C PRO A 307 -17.13 -4.19 0.47
N GLY A 308 -17.67 -3.49 -0.53
CA GLY A 308 -18.50 -2.32 -0.27
C GLY A 308 -17.73 -0.99 -0.21
N ILE A 309 -16.40 -1.04 -0.15
CA ILE A 309 -15.69 0.23 0.09
C ILE A 309 -15.83 1.22 -1.10
N ALA A 310 -15.87 0.70 -2.34
CA ALA A 310 -16.01 1.57 -3.50
C ALA A 310 -17.38 2.21 -3.52
N ASP A 311 -18.41 1.39 -3.24
CA ASP A 311 -19.78 1.90 -3.20
C ASP A 311 -19.91 2.99 -2.13
N ARG A 312 -19.32 2.75 -0.99
CA ARG A 312 -19.43 3.73 0.11
C ARG A 312 -18.71 5.02 -0.28
N MET A 313 -17.54 4.88 -0.87
CA MET A 313 -16.78 6.07 -1.34
C MET A 313 -17.57 6.82 -2.43
N GLN A 314 -18.17 6.08 -3.36
CA GLN A 314 -19.05 6.71 -4.35
C GLN A 314 -20.09 7.57 -3.65
N LYS A 315 -20.76 6.98 -2.67
CA LYS A 315 -21.79 7.67 -1.94
C LYS A 315 -21.26 8.89 -1.15
N GLU A 316 -20.16 8.75 -0.42
CA GLU A 316 -19.64 9.88 0.42
C GLU A 316 -19.13 11.03 -0.47
N ILE A 317 -18.42 10.69 -1.53
CA ILE A 317 -17.88 11.72 -2.44
C ILE A 317 -18.99 12.44 -3.14
N THR A 318 -20.01 11.69 -3.59
CA THR A 318 -21.24 12.34 -4.13
C THR A 318 -21.84 13.38 -3.17
N ALA A 319 -21.97 13.03 -1.89
CA ALA A 319 -22.55 13.99 -0.90
C ALA A 319 -21.64 15.21 -0.69
N LEU A 320 -20.34 15.07 -0.89
CA LEU A 320 -19.45 16.23 -0.66
C LEU A 320 -19.31 17.12 -1.88
N ALA A 321 -19.39 16.52 -3.08
CA ALA A 321 -19.01 17.18 -4.33
C ALA A 321 -20.21 17.99 -4.86
N PRO A 322 -19.99 18.90 -5.84
CA PRO A 322 -21.11 19.61 -6.50
C PRO A 322 -22.17 18.62 -7.08
N SER A 323 -23.45 18.97 -6.96
CA SER A 323 -24.54 18.03 -7.29
C SER A 323 -24.46 17.50 -8.73
N THR A 324 -23.80 18.23 -9.60
CA THR A 324 -23.70 17.81 -10.99
C THR A 324 -22.55 16.85 -11.27
N MET A 325 -21.50 16.94 -10.47
CA MET A 325 -20.22 16.23 -10.71
C MET A 325 -20.33 14.73 -11.09
N LYS A 326 -19.62 14.34 -12.13
CA LYS A 326 -19.52 12.94 -12.48
C LYS A 326 -18.44 12.30 -11.61
N ILE A 327 -18.84 11.30 -10.82
CA ILE A 327 -17.96 10.65 -9.84
C ILE A 327 -17.88 9.16 -10.16
N LYS A 328 -16.65 8.66 -10.27
CA LYS A 328 -16.45 7.24 -10.48
C LYS A 328 -15.33 6.77 -9.61
N ILE A 329 -15.57 5.64 -8.93
CA ILE A 329 -14.56 4.98 -8.16
C ILE A 329 -14.18 3.71 -8.89
N ILE A 330 -12.89 3.50 -9.07
CA ILE A 330 -12.43 2.33 -9.76
C ILE A 330 -11.64 1.52 -8.71
N ALA A 331 -12.09 0.30 -8.46
CA ALA A 331 -11.36 -0.60 -7.55
C ALA A 331 -10.93 -1.83 -8.32
N PRO A 332 -9.70 -1.82 -8.84
CA PRO A 332 -9.32 -3.00 -9.66
C PRO A 332 -9.30 -4.26 -8.80
N PRO A 333 -9.72 -5.41 -9.36
CA PRO A 333 -9.67 -6.67 -8.64
C PRO A 333 -8.27 -6.99 -8.15
N GLU A 334 -7.23 -6.54 -8.86
CA GLU A 334 -5.85 -6.80 -8.44
C GLU A 334 -5.20 -5.74 -7.49
N ARG A 335 -6.03 -4.80 -6.95
CA ARG A 335 -5.68 -3.62 -6.01
C ARG A 335 -4.50 -3.91 -5.08
N LYS A 336 -4.54 -5.09 -4.48
CA LYS A 336 -3.62 -5.47 -3.42
C LYS A 336 -2.16 -5.40 -3.90
N TYR A 337 -1.96 -5.55 -5.21
CA TYR A 337 -0.62 -5.63 -5.78
C TYR A 337 -0.47 -4.65 -6.93
N SER A 338 -1.40 -3.72 -7.07
CA SER A 338 -1.38 -2.81 -8.26
C SER A 338 -0.16 -1.90 -8.23
N VAL A 339 0.39 -1.62 -7.06
CA VAL A 339 1.59 -0.80 -7.05
C VAL A 339 2.70 -1.59 -7.69
N TRP A 340 2.85 -2.82 -7.22
CA TRP A 340 3.90 -3.69 -7.74
C TRP A 340 3.69 -3.90 -9.25
N ILE A 341 2.44 -4.14 -9.65
CA ILE A 341 2.13 -4.38 -11.05
C ILE A 341 2.41 -3.14 -11.94
N GLY A 342 2.04 -1.96 -11.48
CA GLY A 342 2.44 -0.70 -12.15
C GLY A 342 3.94 -0.57 -12.38
N GLY A 343 4.74 -0.98 -11.40
CA GLY A 343 6.19 -1.05 -11.57
C GLY A 343 6.63 -2.10 -12.60
N SER A 344 5.95 -3.23 -12.61
CA SER A 344 6.26 -4.27 -13.54
C SER A 344 6.04 -3.81 -14.98
N ILE A 345 4.91 -3.16 -15.23
CA ILE A 345 4.60 -2.54 -16.52
C ILE A 345 5.61 -1.43 -16.85
N LEU A 346 5.70 -0.41 -15.98
CA LEU A 346 6.60 0.70 -16.23
C LEU A 346 8.02 0.21 -16.66
N ALA A 347 8.64 -0.63 -15.84
CA ALA A 347 10.00 -1.11 -16.10
C ALA A 347 10.17 -2.00 -17.33
N SER A 348 9.08 -2.53 -17.88
CA SER A 348 9.21 -3.33 -19.09
C SER A 348 8.96 -2.55 -20.38
N LEU A 349 8.56 -1.28 -20.26
CA LEU A 349 8.12 -0.53 -21.44
C LEU A 349 9.34 -0.03 -22.24
N SER A 350 9.24 -0.10 -23.56
CA SER A 350 10.34 0.30 -24.42
C SER A 350 10.69 1.78 -24.17
N THR A 351 9.68 2.63 -23.98
CA THR A 351 9.90 4.03 -23.82
C THR A 351 10.43 4.39 -22.44
N PHE A 352 10.48 3.42 -21.52
CA PHE A 352 11.01 3.68 -20.17
C PHE A 352 12.53 3.46 -20.10
N GLN A 353 13.08 2.70 -21.05
CA GLN A 353 14.47 2.16 -20.95
C GLN A 353 15.61 3.16 -20.85
N GLN A 354 15.38 4.42 -21.25
CA GLN A 354 16.39 5.49 -21.08
C GLN A 354 16.16 6.30 -19.81
N MET A 355 15.14 5.92 -19.03
CA MET A 355 14.85 6.60 -17.77
C MET A 355 15.58 6.01 -16.56
N TRP A 356 16.09 4.79 -16.71
CA TRP A 356 17.01 4.18 -15.75
C TRP A 356 18.18 5.11 -15.44
N ILE A 357 18.48 5.27 -14.14
CA ILE A 357 19.74 5.87 -13.72
C ILE A 357 20.82 4.81 -13.73
N THR A 358 21.84 4.97 -14.58
CA THR A 358 22.94 4.00 -14.72
C THR A 358 23.99 4.28 -13.66
N LYS A 359 24.74 3.26 -13.24
CA LYS A 359 25.83 3.47 -12.28
C LYS A 359 26.87 4.49 -12.83
N GLN A 360 26.96 4.56 -14.13
CA GLN A 360 27.87 5.52 -14.76
C GLN A 360 27.34 6.94 -14.57
N GLU A 361 26.06 7.14 -14.87
CA GLU A 361 25.37 8.42 -14.53
C GLU A 361 25.48 8.75 -13.04
N TYR A 362 25.31 7.74 -12.20
CA TYR A 362 25.48 7.92 -10.76
C TYR A 362 26.92 8.28 -10.36
N ASP A 363 27.88 7.45 -10.77
CA ASP A 363 29.30 7.70 -10.44
C ASP A 363 29.77 9.10 -10.89
N GLU A 364 29.11 9.64 -11.91
CA GLU A 364 29.43 10.96 -12.45
C GLU A 364 28.74 12.12 -11.75
N ALA A 365 27.64 11.86 -11.05
CA ALA A 365 26.86 12.95 -10.48
C ALA A 365 26.47 12.75 -9.01
N GLY A 366 26.47 11.51 -8.54
CA GLY A 366 26.18 11.23 -7.12
C GLY A 366 24.69 11.12 -6.87
N PRO A 367 24.28 10.96 -5.58
CA PRO A 367 22.86 10.70 -5.19
C PRO A 367 21.82 11.68 -5.78
N SER A 368 22.26 12.91 -6.07
CA SER A 368 21.38 13.97 -6.57
C SER A 368 20.71 13.75 -7.96
N ILE A 369 21.16 12.72 -8.68
CA ILE A 369 20.55 12.38 -9.98
C ILE A 369 19.08 11.97 -9.92
N VAL A 370 18.66 11.29 -8.83
CA VAL A 370 17.28 10.80 -8.74
C VAL A 370 16.20 11.87 -8.93
N HIS A 371 16.46 13.09 -8.45
CA HIS A 371 15.50 14.16 -8.63
C HIS A 371 15.47 14.61 -10.10
N LYS B 13 5.10 16.43 -16.02
CA LYS B 13 4.33 16.01 -17.24
C LYS B 13 5.07 14.92 -18.04
N VAL B 14 4.54 13.70 -18.00
CA VAL B 14 5.26 12.54 -18.53
C VAL B 14 5.33 12.59 -20.07
N ALA B 15 6.43 12.09 -20.62
CA ALA B 15 6.58 12.12 -22.08
C ALA B 15 5.39 11.41 -22.75
N GLU B 16 4.99 11.92 -23.90
CA GLU B 16 3.84 11.42 -24.61
C GLU B 16 3.88 9.94 -24.99
N ASN B 17 5.00 9.42 -25.50
CA ASN B 17 5.01 7.99 -25.95
C ASN B 17 4.92 7.11 -24.74
N LEU B 18 5.47 7.57 -23.62
CA LEU B 18 5.36 6.81 -22.37
C LEU B 18 3.88 6.75 -21.92
N LYS B 19 3.21 7.88 -21.94
CA LYS B 19 1.77 7.93 -21.56
C LYS B 19 0.96 6.93 -22.39
N SER B 20 1.19 6.99 -23.70
CA SER B 20 0.51 6.15 -24.66
C SER B 20 0.77 4.71 -24.38
N GLN B 21 2.02 4.37 -24.08
CA GLN B 21 2.35 2.96 -23.74
C GLN B 21 1.67 2.55 -22.42
N LEU B 22 1.61 3.48 -21.48
CA LEU B 22 0.96 3.19 -20.19
C LEU B 22 -0.55 3.02 -20.36
N GLU B 23 -1.16 4.01 -20.99
CA GLU B 23 -2.63 4.04 -21.15
C GLU B 23 -3.14 2.91 -22.03
N GLY B 24 -2.33 2.49 -23.01
CA GLY B 24 -2.74 1.42 -23.92
C GLY B 24 -2.23 0.03 -23.60
N PHE B 25 -1.53 -0.11 -22.48
CA PHE B 25 -0.84 -1.38 -22.18
C PHE B 25 -1.83 -2.50 -22.05
N ASP B 26 -1.46 -3.70 -22.48
CA ASP B 26 -2.36 -4.84 -22.46
C ASP B 26 -1.82 -5.81 -21.42
N LYS B 27 -2.52 -5.90 -20.28
CA LYS B 27 -2.00 -6.63 -19.11
C LYS B 27 -1.85 -8.14 -19.25
N SER B 28 -2.42 -8.74 -20.31
CA SER B 28 -1.90 -10.05 -20.78
C SER B 28 -0.41 -9.79 -20.89
N LYS B 29 0.25 -10.33 -21.89
CA LYS B 29 1.63 -9.92 -22.15
C LYS B 29 2.52 -9.97 -20.91
N LEU B 30 1.94 -9.61 -19.75
CA LEU B 30 2.53 -9.87 -18.45
C LEU B 30 2.65 -11.39 -18.24
N LYS B 31 3.87 -11.87 -17.99
CA LYS B 31 4.08 -13.27 -17.78
C LYS B 31 3.37 -13.72 -16.51
N ASN B 32 2.82 -14.93 -16.55
CA ASN B 32 2.24 -15.54 -15.36
C ASN B 32 3.31 -15.98 -14.38
#